data_2HT8
#
_entry.id   2HT8
#
_cell.length_a   90.430
_cell.length_b   90.430
_cell.length_c   109.710
_cell.angle_alpha   90.00
_cell.angle_beta   90.00
_cell.angle_gamma   90.00
#
_symmetry.space_group_name_H-M   'I 4'
#
loop_
_entity.id
_entity.type
_entity.pdbx_description
1 polymer Neuraminidase
2 non-polymer '(3R,4R,5S)-4-(acetylamino)-5-amino-3-(pentan-3-yloxy)cyclohex-1-ene-1-carboxylic acid'
3 water water
#
_entity_poly.entity_id   1
_entity_poly.type   'polypeptide(L)'
_entity_poly.pdbx_seq_one_letter_code
;TYMNNTEAICDAKGFAPFSKDNGIRIGSRGHIFVIREPFVSCSPIECRTFFLTQGSLLNDKHSNGTVKDRSPFRTLMSVE
VGQSPNVYQARFEAVAWSATACHDGKKWMTVGVTGPDSKAVAVIHYGGVPTDVVNSWAGDILRTQESSCTCIQGDCYWVM
TDGPANRQAQYRIYKANQGRIIGQTDISFNGGHIEECSCYPNDGKVECVCRDGWTGTNRPVLVISPDLSYRVGYLCAGIP
SDTPRGEDTQFTGSCTSPMGNQGYGVKGFGFRQGTDVWMGRTISRTSRSGFEILRIKNGWTQTSKEQIRKQVVVDNLNWS
GYSGSFTLPVELSGKDCLVPCFWVEMIRGKPEEKTIWTSSSSIVMCGVDYEVADWSWHDGAILPFDIDKM
;
_entity_poly.pdbx_strand_id   A
#
# COMPACT_ATOMS: atom_id res chain seq x y z
N THR A 1 7.62 24.62 -6.32
CA THR A 1 8.82 24.05 -6.99
C THR A 1 8.90 22.54 -6.75
N TYR A 2 9.54 21.84 -7.69
CA TYR A 2 9.64 20.38 -7.60
C TYR A 2 10.44 19.79 -6.44
N MET A 3 9.90 18.70 -5.90
CA MET A 3 10.48 18.00 -4.78
C MET A 3 11.50 16.93 -5.18
N ASN A 4 12.76 17.16 -4.80
CA ASN A 4 13.84 16.22 -5.06
C ASN A 4 13.72 15.06 -4.09
N ASN A 5 13.33 13.89 -4.58
CA ASN A 5 13.25 12.75 -3.69
C ASN A 5 14.35 11.79 -4.11
N THR A 6 15.55 12.36 -4.23
CA THR A 6 16.75 11.63 -4.64
C THR A 6 17.49 10.96 -3.49
N GLU A 7 17.41 11.56 -2.31
CA GLU A 7 18.09 11.03 -1.12
C GLU A 7 17.78 9.56 -0.84
N ALA A 8 18.58 8.98 0.03
CA ALA A 8 18.41 7.58 0.42
C ALA A 8 17.43 7.53 1.57
N ILE A 9 16.86 6.37 1.84
CA ILE A 9 15.93 6.27 2.96
C ILE A 9 16.77 6.35 4.23
N CYS A 10 16.20 6.88 5.31
CA CYS A 10 16.93 6.98 6.57
C CYS A 10 17.00 5.59 7.16
N ASP A 11 17.95 5.38 8.07
CA ASP A 11 18.11 4.08 8.71
C ASP A 11 17.47 4.13 10.10
N ALA A 12 16.44 3.32 10.29
CA ALA A 12 15.72 3.29 11.56
C ALA A 12 15.93 2.01 12.33
N LYS A 13 15.87 2.11 13.66
CA LYS A 13 16.03 0.93 14.50
C LYS A 13 14.64 0.62 15.03
N GLY A 14 13.66 1.42 14.62
CA GLY A 14 12.30 1.21 15.08
C GLY A 14 11.37 2.30 14.58
N PHE A 15 10.07 2.06 14.70
CA PHE A 15 9.06 3.01 14.23
C PHE A 15 8.15 3.52 15.34
N ALA A 16 7.77 4.79 15.22
CA ALA A 16 6.90 5.42 16.20
C ALA A 16 5.54 5.76 15.59
N PRO A 17 4.45 5.64 16.38
CA PRO A 17 3.12 5.97 15.83
C PRO A 17 2.96 7.43 15.39
N PHE A 18 2.42 7.61 14.18
CA PHE A 18 2.17 8.93 13.61
C PHE A 18 0.75 9.35 14.00
N SER A 19 -0.20 8.48 13.67
CA SER A 19 -1.61 8.75 13.95
C SER A 19 -2.49 7.50 14.06
N LYS A 20 -3.78 7.73 14.27
CA LYS A 20 -4.79 6.66 14.36
C LYS A 20 -6.12 7.36 14.21
N ASP A 21 -6.90 7.00 13.19
CA ASP A 21 -8.17 7.68 12.95
C ASP A 21 -9.39 7.26 13.76
N ASN A 22 -9.50 5.97 14.07
CA ASN A 22 -10.64 5.47 14.83
C ASN A 22 -11.89 5.70 13.97
N GLY A 23 -11.73 5.55 12.66
CA GLY A 23 -12.84 5.76 11.75
C GLY A 23 -14.08 4.92 12.04
N ILE A 24 -13.90 3.63 12.26
CA ILE A 24 -15.02 2.75 12.54
C ILE A 24 -15.67 3.04 13.90
N ARG A 25 -14.89 3.03 14.98
CA ARG A 25 -15.43 3.35 16.31
C ARG A 25 -16.28 4.61 16.17
N ILE A 26 -15.62 5.67 15.74
CA ILE A 26 -16.28 6.95 15.50
C ILE A 26 -17.46 6.72 14.57
N GLY A 27 -17.25 5.85 13.58
CA GLY A 27 -18.28 5.55 12.60
C GLY A 27 -19.54 4.93 13.17
N SER A 28 -19.50 4.55 14.44
CA SER A 28 -20.65 3.96 15.09
C SER A 28 -21.74 5.02 15.28
N ARG A 29 -21.34 6.27 15.47
CA ARG A 29 -22.33 7.34 15.66
C ARG A 29 -22.17 8.48 14.66
N GLY A 30 -20.95 8.70 14.16
CA GLY A 30 -20.71 9.77 13.21
C GLY A 30 -20.92 9.37 11.76
N HIS A 31 -20.73 10.34 10.87
CA HIS A 31 -20.90 10.12 9.43
C HIS A 31 -19.58 9.83 8.74
N ILE A 32 -19.17 8.58 8.84
CA ILE A 32 -17.91 8.12 8.27
C ILE A 32 -18.10 7.25 7.01
N PHE A 33 -17.29 7.50 6.00
CA PHE A 33 -17.36 6.74 4.76
C PHE A 33 -16.95 5.30 4.96
N VAL A 34 -17.84 4.36 4.65
CA VAL A 34 -17.47 2.97 4.74
C VAL A 34 -16.46 2.91 3.59
N ILE A 35 -15.25 2.42 3.88
CA ILE A 35 -14.20 2.37 2.89
C ILE A 35 -13.36 1.08 2.96
N ARG A 36 -12.15 1.16 2.41
CA ARG A 36 -11.20 0.06 2.38
C ARG A 36 -10.03 0.48 1.47
N GLU A 37 -8.92 -0.25 1.53
CA GLU A 37 -7.72 0.06 0.75
C GLU A 37 -7.26 1.49 1.01
N PRO A 38 -6.97 1.80 2.29
CA PRO A 38 -6.52 3.14 2.63
C PRO A 38 -5.00 3.24 2.51
N PHE A 39 -4.49 4.47 2.41
CA PHE A 39 -3.05 4.68 2.32
C PHE A 39 -2.65 6.15 2.50
N VAL A 40 -1.41 6.36 2.93
CA VAL A 40 -0.89 7.69 3.20
C VAL A 40 0.20 8.10 2.23
N SER A 41 0.12 9.36 1.79
CA SER A 41 1.09 9.98 0.90
C SER A 41 1.18 11.42 1.36
N CYS A 42 2.40 11.93 1.43
CA CYS A 42 2.66 13.29 1.91
C CYS A 42 3.13 14.26 0.84
N SER A 43 2.82 15.53 1.04
CA SER A 43 3.28 16.60 0.15
C SER A 43 4.24 17.40 1.02
N PRO A 44 4.93 18.41 0.46
CA PRO A 44 5.84 19.13 1.35
C PRO A 44 5.17 20.13 2.34
N ILE A 45 3.98 19.78 2.82
CA ILE A 45 3.27 20.64 3.78
C ILE A 45 2.38 19.82 4.71
N GLU A 46 1.96 18.65 4.23
CA GLU A 46 1.11 17.78 5.02
C GLU A 46 1.02 16.41 4.37
N CYS A 47 0.55 15.44 5.15
CA CYS A 47 0.33 14.09 4.65
C CYS A 47 -1.17 13.91 4.68
N ARG A 48 -1.71 13.16 3.74
CA ARG A 48 -3.13 12.94 3.74
C ARG A 48 -3.36 11.44 3.66
N THR A 49 -4.48 10.98 4.20
CA THR A 49 -4.84 9.56 4.13
C THR A 49 -5.81 9.38 2.97
N PHE A 50 -5.39 8.68 1.92
CA PHE A 50 -6.25 8.45 0.79
C PHE A 50 -7.00 7.14 1.00
N PHE A 51 -8.27 7.11 0.60
CA PHE A 51 -9.08 5.92 0.76
C PHE A 51 -9.93 5.62 -0.45
N LEU A 52 -10.78 4.60 -0.35
CA LEU A 52 -11.69 4.22 -1.43
C LEU A 52 -13.03 4.02 -0.75
N THR A 53 -13.93 4.94 -1.01
CA THR A 53 -15.24 4.88 -0.40
C THR A 53 -16.13 3.91 -1.15
N GLN A 54 -17.10 3.32 -0.45
CA GLN A 54 -18.02 2.40 -1.09
C GLN A 54 -19.23 3.23 -1.52
N GLY A 55 -19.02 4.54 -1.60
CA GLY A 55 -20.08 5.45 -1.98
C GLY A 55 -21.15 5.52 -0.93
N SER A 56 -20.83 5.12 0.29
CA SER A 56 -21.77 5.15 1.40
C SER A 56 -21.09 5.35 2.76
N LEU A 57 -21.90 5.42 3.82
CA LEU A 57 -21.41 5.62 5.19
C LEU A 57 -21.59 4.39 6.06
N LEU A 58 -21.21 4.49 7.33
CA LEU A 58 -21.35 3.37 8.26
C LEU A 58 -22.67 3.46 9.06
N ASN A 59 -23.19 2.31 9.47
CA ASN A 59 -24.45 2.23 10.23
C ASN A 59 -25.58 2.72 9.36
N ASP A 60 -25.51 2.35 8.09
CA ASP A 60 -26.51 2.72 7.10
C ASP A 60 -26.75 1.50 6.23
N LYS A 61 -27.96 1.43 5.67
CA LYS A 61 -28.33 0.31 4.81
C LYS A 61 -27.46 0.24 3.57
N HIS A 62 -26.99 1.38 3.10
CA HIS A 62 -26.13 1.42 1.91
C HIS A 62 -24.73 0.90 2.19
N SER A 63 -24.54 0.46 3.42
CA SER A 63 -23.26 -0.10 3.83
C SER A 63 -23.25 -1.58 3.51
N ASN A 64 -24.44 -2.12 3.24
CA ASN A 64 -24.67 -3.55 2.93
C ASN A 64 -23.52 -4.36 2.30
N GLY A 65 -23.72 -4.88 1.10
CA GLY A 65 -22.70 -5.72 0.48
C GLY A 65 -21.38 -5.09 0.07
N THR A 66 -20.93 -4.10 0.82
CA THR A 66 -19.68 -3.39 0.53
C THR A 66 -18.43 -4.27 0.59
N VAL A 67 -18.63 -5.58 0.50
CA VAL A 67 -17.52 -6.52 0.51
C VAL A 67 -17.19 -6.84 -0.94
N LYS A 68 -18.09 -6.45 -1.86
CA LYS A 68 -17.96 -6.69 -3.30
C LYS A 68 -16.72 -6.24 -4.10
N ASP A 69 -15.87 -5.40 -3.51
CA ASP A 69 -14.64 -4.95 -4.19
C ASP A 69 -14.77 -3.85 -5.21
N ARG A 70 -15.35 -4.17 -6.35
CA ARG A 70 -15.50 -3.18 -7.41
C ARG A 70 -16.98 -2.85 -7.62
N SER A 71 -17.25 -1.58 -7.93
CA SER A 71 -18.61 -1.08 -8.17
C SER A 71 -18.50 0.31 -8.75
N PRO A 72 -19.61 0.88 -9.24
CA PRO A 72 -19.53 2.23 -9.79
C PRO A 72 -19.56 3.37 -8.76
N PHE A 73 -19.91 3.03 -7.52
CA PHE A 73 -20.00 4.01 -6.45
C PHE A 73 -18.67 4.40 -5.82
N ARG A 74 -17.76 3.43 -5.69
CA ARG A 74 -16.45 3.71 -5.10
C ARG A 74 -15.73 4.84 -5.81
N THR A 75 -15.26 5.82 -5.03
CA THR A 75 -14.52 6.97 -5.55
C THR A 75 -13.32 7.26 -4.62
N LEU A 76 -12.20 7.67 -5.19
CA LEU A 76 -11.02 7.99 -4.38
C LEU A 76 -11.17 9.37 -3.77
N MET A 77 -11.06 9.44 -2.45
CA MET A 77 -11.15 10.69 -1.71
C MET A 77 -10.05 10.70 -0.68
N SER A 78 -9.76 11.85 -0.07
CA SER A 78 -8.70 11.97 0.91
C SER A 78 -9.00 12.96 2.04
N VAL A 79 -8.26 12.81 3.15
CA VAL A 79 -8.39 13.69 4.32
C VAL A 79 -7.00 13.79 4.97
N GLU A 80 -6.76 14.81 5.80
CA GLU A 80 -5.46 14.92 6.44
C GLU A 80 -5.26 13.68 7.32
N VAL A 81 -4.03 13.20 7.42
CA VAL A 81 -3.73 12.02 8.22
C VAL A 81 -4.47 12.08 9.55
N GLY A 82 -4.61 10.92 10.21
CA GLY A 82 -5.28 10.88 11.49
C GLY A 82 -6.77 11.13 11.44
N GLN A 83 -7.22 12.07 10.63
CA GLN A 83 -8.64 12.33 10.54
C GLN A 83 -9.30 11.09 9.96
N SER A 84 -10.49 10.80 10.42
CA SER A 84 -11.18 9.65 9.92
C SER A 84 -11.68 9.99 8.52
N PRO A 85 -12.08 8.97 7.75
CA PRO A 85 -12.58 9.21 6.41
C PRO A 85 -14.02 9.70 6.50
N ASN A 86 -14.22 10.91 7.01
CA ASN A 86 -15.58 11.44 7.12
C ASN A 86 -15.96 12.37 5.96
N VAL A 87 -17.26 12.42 5.74
CA VAL A 87 -17.87 13.20 4.68
C VAL A 87 -17.59 14.71 4.74
N TYR A 88 -17.79 15.31 5.91
CA TYR A 88 -17.63 16.75 6.05
C TYR A 88 -16.20 17.30 5.99
N GLN A 89 -15.19 16.44 6.13
CA GLN A 89 -13.80 16.90 6.05
C GLN A 89 -13.15 16.23 4.84
N ALA A 90 -13.95 15.51 4.05
CA ALA A 90 -13.46 14.80 2.89
C ALA A 90 -13.27 15.62 1.62
N ARG A 91 -12.17 15.32 0.93
CA ARG A 91 -11.77 15.95 -0.33
C ARG A 91 -11.92 14.93 -1.44
N PHE A 92 -12.62 15.30 -2.52
CA PHE A 92 -12.82 14.34 -3.61
C PHE A 92 -11.62 14.24 -4.56
N GLU A 93 -11.14 13.01 -4.70
CA GLU A 93 -10.01 12.73 -5.59
C GLU A 93 -10.45 12.32 -6.99
N ALA A 94 -10.79 11.04 -7.15
CA ALA A 94 -11.22 10.52 -8.46
C ALA A 94 -12.23 9.37 -8.35
N VAL A 95 -12.89 9.07 -9.46
CA VAL A 95 -13.84 7.97 -9.47
C VAL A 95 -13.00 6.71 -9.56
N ALA A 96 -12.97 5.91 -8.49
CA ALA A 96 -12.16 4.70 -8.47
C ALA A 96 -12.51 3.54 -7.52
N TRP A 97 -12.23 2.32 -7.97
CA TRP A 97 -12.44 1.15 -7.15
C TRP A 97 -11.05 0.53 -7.06
N SER A 98 -10.06 1.38 -7.30
CA SER A 98 -8.63 1.05 -7.26
C SER A 98 -7.88 2.34 -7.64
N ALA A 99 -7.11 2.87 -6.71
CA ALA A 99 -6.37 4.11 -6.94
C ALA A 99 -4.93 4.17 -6.42
N THR A 100 -4.29 5.30 -6.67
CA THR A 100 -2.93 5.56 -6.20
C THR A 100 -2.75 7.09 -6.26
N ALA A 101 -1.90 7.63 -5.40
CA ALA A 101 -1.70 9.06 -5.37
C ALA A 101 -0.30 9.49 -4.95
N CYS A 102 0.09 10.71 -5.29
CA CYS A 102 1.38 11.24 -4.90
C CYS A 102 1.52 12.70 -5.28
N HIS A 103 2.21 13.47 -4.44
CA HIS A 103 2.44 14.89 -4.66
C HIS A 103 3.83 14.97 -5.27
N ASP A 104 4.19 16.10 -5.89
CA ASP A 104 5.50 16.21 -6.52
C ASP A 104 6.25 17.47 -6.14
N GLY A 105 5.68 18.24 -5.23
CA GLY A 105 6.32 19.47 -4.82
C GLY A 105 5.54 20.70 -5.28
N LYS A 106 4.43 20.45 -5.99
CA LYS A 106 3.58 21.52 -6.50
C LYS A 106 2.13 21.11 -6.34
N LYS A 107 1.68 20.17 -7.17
CA LYS A 107 0.30 19.70 -7.14
C LYS A 107 0.16 18.20 -6.88
N TRP A 108 -1.04 17.76 -6.49
CA TRP A 108 -1.29 16.35 -6.22
C TRP A 108 -1.68 15.58 -7.47
N MET A 109 -1.04 14.44 -7.68
CA MET A 109 -1.39 13.61 -8.80
C MET A 109 -2.17 12.42 -8.27
N THR A 110 -3.27 12.09 -8.92
CA THR A 110 -4.07 10.97 -8.51
C THR A 110 -4.41 10.19 -9.75
N VAL A 111 -4.63 8.88 -9.58
CA VAL A 111 -4.96 7.99 -10.67
C VAL A 111 -6.02 7.05 -10.15
N GLY A 112 -7.23 7.18 -10.66
CA GLY A 112 -8.30 6.31 -10.22
C GLY A 112 -8.80 5.45 -11.35
N VAL A 113 -8.84 4.15 -11.12
CA VAL A 113 -9.32 3.20 -12.12
C VAL A 113 -10.74 2.83 -11.77
N THR A 114 -11.58 2.76 -12.79
CA THR A 114 -12.99 2.43 -12.61
C THR A 114 -13.53 1.87 -13.91
N GLY A 115 -14.82 1.57 -13.94
CA GLY A 115 -15.43 1.05 -15.14
C GLY A 115 -15.48 -0.47 -15.11
N PRO A 116 -15.83 -1.08 -16.24
CA PRO A 116 -15.95 -2.53 -16.38
C PRO A 116 -14.57 -3.18 -16.33
N ASP A 117 -14.54 -4.42 -15.87
CA ASP A 117 -13.29 -5.18 -15.74
C ASP A 117 -12.56 -5.36 -17.07
N SER A 118 -13.31 -5.69 -18.12
CA SER A 118 -12.76 -5.92 -19.45
C SER A 118 -12.36 -4.66 -20.22
N LYS A 119 -12.63 -3.49 -19.65
CA LYS A 119 -12.29 -2.23 -20.32
C LYS A 119 -12.11 -1.07 -19.35
N ALA A 120 -11.82 -1.36 -18.09
CA ALA A 120 -11.65 -0.31 -17.12
C ALA A 120 -10.66 0.72 -17.63
N VAL A 121 -10.81 1.95 -17.15
CA VAL A 121 -9.93 3.06 -17.50
C VAL A 121 -9.34 3.66 -16.22
N ALA A 122 -8.08 4.09 -16.33
CA ALA A 122 -7.37 4.71 -15.22
C ALA A 122 -7.27 6.20 -15.52
N VAL A 123 -8.09 6.99 -14.84
CA VAL A 123 -8.09 8.41 -15.03
C VAL A 123 -7.10 9.05 -14.08
N ILE A 124 -6.11 9.74 -14.64
CA ILE A 124 -5.09 10.45 -13.88
C ILE A 124 -5.53 11.91 -13.73
N HIS A 125 -5.44 12.45 -12.52
CA HIS A 125 -5.81 13.84 -12.29
C HIS A 125 -4.59 14.59 -11.78
N TYR A 126 -4.54 15.90 -12.02
CA TYR A 126 -3.41 16.71 -11.57
C TYR A 126 -3.86 18.13 -11.18
N GLY A 127 -3.85 18.43 -9.88
CA GLY A 127 -4.28 19.73 -9.40
C GLY A 127 -5.80 19.82 -9.19
N GLY A 128 -6.49 18.69 -9.11
CA GLY A 128 -7.92 18.71 -8.89
C GLY A 128 -8.74 18.55 -10.17
N VAL A 129 -8.15 17.87 -11.15
CA VAL A 129 -8.84 17.66 -12.43
C VAL A 129 -8.02 16.69 -13.29
N PRO A 130 -8.69 15.75 -13.99
CA PRO A 130 -8.05 14.74 -14.85
C PRO A 130 -7.25 15.32 -16.02
N THR A 131 -6.03 14.83 -16.20
CA THR A 131 -5.18 15.35 -17.26
C THR A 131 -4.90 14.33 -18.33
N ASP A 132 -4.72 13.07 -17.96
CA ASP A 132 -4.47 12.04 -18.97
C ASP A 132 -5.21 10.77 -18.65
N VAL A 133 -5.19 9.81 -19.57
CA VAL A 133 -5.89 8.56 -19.35
C VAL A 133 -5.17 7.31 -19.84
N VAL A 134 -5.52 6.16 -19.24
CA VAL A 134 -4.96 4.86 -19.60
C VAL A 134 -6.16 3.92 -19.73
N ASN A 135 -6.23 3.17 -20.82
CA ASN A 135 -7.33 2.20 -21.04
C ASN A 135 -6.81 0.81 -20.70
N SER A 136 -7.69 -0.06 -20.19
CA SER A 136 -7.26 -1.41 -19.87
C SER A 136 -6.55 -1.92 -21.12
N TRP A 137 -5.39 -2.56 -20.94
CA TRP A 137 -4.62 -3.05 -22.07
C TRP A 137 -4.64 -4.57 -22.24
N ALA A 138 -5.29 -5.26 -21.31
CA ALA A 138 -5.35 -6.71 -21.37
C ALA A 138 -6.70 -7.23 -20.91
N GLY A 139 -7.70 -6.36 -21.05
CA GLY A 139 -9.07 -6.71 -20.70
C GLY A 139 -9.39 -7.51 -19.46
N ASP A 140 -8.56 -7.44 -18.42
CA ASP A 140 -8.88 -8.19 -17.21
C ASP A 140 -8.55 -7.41 -15.95
N ILE A 141 -9.49 -6.57 -15.55
CA ILE A 141 -9.36 -5.73 -14.37
C ILE A 141 -8.10 -4.86 -14.36
N LEU A 142 -8.19 -3.66 -14.92
CA LEU A 142 -7.04 -2.79 -14.89
C LEU A 142 -6.99 -2.23 -13.46
N ARG A 143 -6.06 -2.73 -12.65
CA ARG A 143 -5.88 -2.30 -11.27
C ARG A 143 -4.48 -1.75 -11.00
N THR A 144 -4.35 -0.98 -9.91
CA THR A 144 -3.07 -0.38 -9.54
C THR A 144 -2.72 -0.53 -8.04
N GLN A 145 -1.69 0.21 -7.62
CA GLN A 145 -1.13 0.18 -6.28
C GLN A 145 -1.89 0.18 -4.96
N GLU A 146 -2.93 1.00 -4.81
CA GLU A 146 -3.64 1.07 -3.52
C GLU A 146 -2.60 1.54 -2.51
N SER A 147 -1.58 2.23 -3.02
CA SER A 147 -0.48 2.75 -2.22
C SER A 147 0.09 4.01 -2.89
N SER A 148 0.82 4.80 -2.11
CA SER A 148 1.42 6.02 -2.64
C SER A 148 2.39 5.79 -3.79
N CYS A 149 2.27 6.58 -4.84
CA CYS A 149 3.18 6.48 -5.98
C CYS A 149 4.42 7.37 -5.71
N THR A 150 5.41 7.27 -6.58
CA THR A 150 6.65 8.00 -6.34
C THR A 150 7.06 9.12 -7.29
N CYS A 151 7.36 10.27 -6.73
CA CYS A 151 7.77 11.39 -7.55
C CYS A 151 9.22 11.75 -7.20
N ILE A 152 10.02 11.91 -8.25
CA ILE A 152 11.43 12.27 -8.11
C ILE A 152 11.69 13.36 -9.14
N GLN A 153 11.87 14.59 -8.65
CA GLN A 153 12.16 15.74 -9.53
C GLN A 153 11.16 15.85 -10.68
N GLY A 154 9.91 16.14 -10.34
CA GLY A 154 8.87 16.33 -11.34
C GLY A 154 8.28 15.12 -12.05
N ASP A 155 8.92 13.95 -11.96
CA ASP A 155 8.40 12.75 -12.60
C ASP A 155 7.89 11.73 -11.60
N CYS A 156 6.59 11.45 -11.65
CA CYS A 156 6.01 10.49 -10.71
C CYS A 156 5.82 9.16 -11.40
N TYR A 157 6.19 8.09 -10.73
CA TYR A 157 6.07 6.76 -11.30
C TYR A 157 5.17 5.88 -10.46
N TRP A 158 4.57 4.88 -11.11
CA TRP A 158 3.74 3.92 -10.39
C TRP A 158 3.64 2.67 -11.23
N VAL A 159 3.09 1.63 -10.64
CA VAL A 159 2.95 0.36 -11.33
C VAL A 159 1.51 -0.13 -11.38
N MET A 160 1.19 -0.85 -12.45
CA MET A 160 -0.15 -1.38 -12.68
C MET A 160 -0.10 -2.81 -13.18
N THR A 161 -1.20 -3.53 -12.96
CA THR A 161 -1.33 -4.93 -13.36
C THR A 161 -2.64 -5.18 -14.12
N ASP A 162 -2.54 -5.87 -15.26
CA ASP A 162 -3.71 -6.25 -16.05
C ASP A 162 -3.60 -7.72 -16.43
N GLY A 163 -4.52 -8.51 -15.89
CA GLY A 163 -4.50 -9.93 -16.16
C GLY A 163 -5.24 -10.60 -15.03
N PRO A 164 -5.22 -11.93 -14.94
CA PRO A 164 -5.91 -12.64 -13.86
C PRO A 164 -5.14 -12.46 -12.57
N ALA A 165 -5.86 -12.48 -11.45
CA ALA A 165 -5.27 -12.33 -10.11
C ALA A 165 -4.53 -13.60 -9.69
N ASN A 166 -4.89 -14.72 -10.31
CA ASN A 166 -4.27 -16.01 -10.04
C ASN A 166 -3.00 -16.22 -10.87
N ARG A 167 -3.10 -16.98 -11.97
CA ARG A 167 -1.96 -17.28 -12.84
C ARG A 167 -1.30 -16.05 -13.47
N GLN A 168 -0.37 -16.27 -14.40
CA GLN A 168 0.36 -15.18 -15.07
C GLN A 168 -0.42 -13.92 -15.36
N ALA A 169 0.28 -12.82 -15.62
CA ALA A 169 -0.37 -11.55 -15.92
C ALA A 169 0.55 -10.57 -16.66
N GLN A 170 0.11 -9.31 -16.79
CA GLN A 170 0.91 -8.31 -17.48
C GLN A 170 1.12 -7.11 -16.57
N TYR A 171 2.37 -6.81 -16.27
CA TYR A 171 2.67 -5.69 -15.38
C TYR A 171 3.36 -4.58 -16.16
N ARG A 172 3.08 -3.35 -15.77
CA ARG A 172 3.67 -2.19 -16.44
C ARG A 172 4.03 -1.14 -15.45
N ILE A 173 4.97 -0.29 -15.87
CA ILE A 173 5.42 0.83 -15.05
C ILE A 173 5.05 2.11 -15.79
N TYR A 174 4.38 3.02 -15.12
CA TYR A 174 4.02 4.25 -15.77
C TYR A 174 4.77 5.42 -15.16
N LYS A 175 5.19 6.33 -16.03
CA LYS A 175 5.94 7.52 -15.64
C LYS A 175 5.24 8.76 -16.17
N ALA A 176 5.03 9.76 -15.31
CA ALA A 176 4.37 10.97 -15.75
C ALA A 176 5.10 12.24 -15.30
N ASN A 177 4.63 13.38 -15.78
CA ASN A 177 5.20 14.67 -15.43
C ASN A 177 4.09 15.71 -15.59
N GLN A 178 3.34 15.91 -14.51
CA GLN A 178 2.24 16.85 -14.48
C GLN A 178 1.03 16.20 -15.11
N GLY A 179 0.54 15.17 -14.44
CA GLY A 179 -0.63 14.48 -14.91
C GLY A 179 -0.47 13.82 -16.27
N ARG A 180 0.48 14.28 -17.06
CA ARG A 180 0.69 13.70 -18.39
C ARG A 180 1.68 12.53 -18.50
N ILE A 181 1.18 11.42 -19.02
CA ILE A 181 1.98 10.21 -19.19
C ILE A 181 3.12 10.42 -20.17
N ILE A 182 4.34 10.22 -19.69
CA ILE A 182 5.52 10.40 -20.53
C ILE A 182 6.39 9.14 -20.63
N GLY A 183 5.85 8.10 -21.26
CA GLY A 183 6.58 6.86 -21.42
C GLY A 183 6.17 5.80 -20.42
N GLN A 184 6.36 4.54 -20.81
CA GLN A 184 6.02 3.41 -19.96
C GLN A 184 6.87 2.16 -20.27
N THR A 185 6.71 1.12 -19.47
CA THR A 185 7.47 -0.10 -19.63
C THR A 185 6.68 -1.37 -19.34
N ASP A 186 7.02 -2.43 -20.06
CA ASP A 186 6.41 -3.73 -19.88
C ASP A 186 7.41 -4.48 -19.02
N ILE A 187 6.90 -5.19 -18.01
CA ILE A 187 7.75 -5.93 -17.10
C ILE A 187 7.69 -7.40 -17.44
N SER A 188 8.84 -7.96 -17.81
CA SER A 188 8.95 -9.37 -18.14
C SER A 188 9.21 -10.06 -16.82
N PHE A 189 8.31 -10.96 -16.44
CA PHE A 189 8.42 -11.63 -15.17
C PHE A 189 7.54 -12.88 -15.21
N ASN A 190 7.80 -13.73 -16.21
CA ASN A 190 7.04 -14.96 -16.40
C ASN A 190 7.28 -15.95 -15.27
N GLY A 191 6.19 -16.43 -14.68
CA GLY A 191 6.28 -17.33 -13.56
C GLY A 191 6.15 -16.44 -12.33
N GLY A 192 6.43 -15.15 -12.50
CA GLY A 192 6.32 -14.22 -11.39
C GLY A 192 4.99 -13.49 -11.34
N HIS A 193 4.75 -12.73 -10.29
CA HIS A 193 3.49 -12.01 -10.17
C HIS A 193 3.63 -10.71 -9.37
N ILE A 194 3.00 -9.64 -9.87
CA ILE A 194 3.06 -8.32 -9.22
C ILE A 194 1.67 -7.66 -9.07
N GLU A 195 1.34 -7.27 -7.84
CA GLU A 195 0.04 -6.66 -7.51
C GLU A 195 0.18 -5.67 -6.37
N GLU A 196 -0.62 -4.61 -6.42
CA GLU A 196 -0.62 -3.61 -5.37
C GLU A 196 0.77 -3.40 -4.79
N CYS A 197 1.67 -2.78 -5.55
CA CYS A 197 3.01 -2.55 -5.04
C CYS A 197 3.06 -1.46 -3.98
N SER A 198 4.13 -1.47 -3.20
CA SER A 198 4.37 -0.46 -2.18
C SER A 198 5.74 0.11 -2.58
N CYS A 199 5.79 1.38 -2.88
CA CYS A 199 7.05 1.96 -3.25
C CYS A 199 7.44 3.09 -2.33
N TYR A 200 8.64 3.61 -2.53
CA TYR A 200 9.18 4.70 -1.76
C TYR A 200 10.43 5.14 -2.53
N PRO A 201 10.94 6.35 -2.27
CA PRO A 201 12.13 6.70 -3.04
C PRO A 201 13.45 6.43 -2.29
N ASN A 202 14.46 5.91 -2.99
CA ASN A 202 15.74 5.65 -2.36
C ASN A 202 16.85 5.78 -3.38
N ASP A 203 17.49 6.94 -3.41
CA ASP A 203 18.60 7.24 -4.32
C ASP A 203 18.20 7.42 -5.77
N GLY A 204 17.16 8.21 -6.01
CA GLY A 204 16.71 8.44 -7.37
C GLY A 204 16.17 7.22 -8.11
N LYS A 205 15.98 6.12 -7.41
CA LYS A 205 15.44 4.89 -8.00
C LYS A 205 14.21 4.53 -7.19
N VAL A 206 13.17 4.02 -7.84
CA VAL A 206 11.95 3.66 -7.12
C VAL A 206 11.91 2.20 -6.71
N GLU A 207 11.85 1.97 -5.42
CA GLU A 207 11.81 0.61 -4.87
C GLU A 207 10.39 0.22 -4.46
N CYS A 208 9.97 -0.96 -4.89
CA CYS A 208 8.63 -1.43 -4.56
C CYS A 208 8.64 -2.88 -4.11
N VAL A 209 7.88 -3.17 -3.09
CA VAL A 209 7.77 -4.53 -2.59
C VAL A 209 6.32 -4.79 -2.95
N CYS A 210 6.10 -5.64 -3.96
CA CYS A 210 4.75 -5.88 -4.42
C CYS A 210 4.08 -7.12 -3.86
N ARG A 211 3.06 -7.61 -4.55
CA ARG A 211 2.34 -8.78 -4.07
C ARG A 211 2.18 -9.87 -5.12
N ASP A 212 2.82 -11.01 -4.89
CA ASP A 212 2.70 -12.12 -5.82
C ASP A 212 1.41 -12.84 -5.41
N GLY A 213 0.38 -12.73 -6.24
CA GLY A 213 -0.88 -13.37 -5.90
C GLY A 213 -0.97 -14.78 -6.47
N TRP A 214 -0.03 -15.10 -7.35
CA TRP A 214 0.04 -16.40 -8.01
C TRP A 214 0.65 -17.47 -7.08
N THR A 215 1.97 -17.62 -7.14
CA THR A 215 2.67 -18.63 -6.35
C THR A 215 3.68 -18.04 -5.37
N GLY A 216 3.37 -16.88 -4.81
CA GLY A 216 4.30 -16.24 -3.89
C GLY A 216 3.89 -15.99 -2.44
N THR A 217 4.70 -16.53 -1.53
CA THR A 217 4.52 -16.37 -0.10
C THR A 217 5.62 -15.39 0.30
N ASN A 218 6.62 -15.31 -0.56
CA ASN A 218 7.73 -14.39 -0.42
C ASN A 218 7.32 -13.32 -1.40
N ARG A 219 7.53 -12.07 -1.03
CA ARG A 219 7.11 -10.96 -1.89
C ARG A 219 8.15 -10.58 -2.91
N PRO A 220 7.69 -10.01 -4.03
CA PRO A 220 8.54 -9.56 -5.14
C PRO A 220 8.97 -8.11 -4.94
N VAL A 221 10.15 -7.79 -5.46
CA VAL A 221 10.71 -6.45 -5.40
C VAL A 221 10.99 -5.99 -6.84
N LEU A 222 11.15 -4.68 -7.04
CA LEU A 222 11.45 -4.12 -8.36
C LEU A 222 12.01 -2.69 -8.28
N VAL A 223 13.27 -2.52 -8.67
CA VAL A 223 13.88 -1.21 -8.64
C VAL A 223 13.77 -0.54 -10.01
N ILE A 224 13.09 0.61 -10.01
CA ILE A 224 12.85 1.38 -11.22
C ILE A 224 13.78 2.60 -11.28
N SER A 225 14.39 2.79 -12.44
CA SER A 225 15.30 3.91 -12.70
C SER A 225 14.54 4.97 -13.43
N PRO A 226 15.05 6.21 -13.44
CA PRO A 226 14.38 7.34 -14.12
C PRO A 226 14.19 7.23 -15.66
N ASP A 227 14.74 6.19 -16.29
CA ASP A 227 14.58 6.05 -17.74
C ASP A 227 13.96 4.70 -18.10
N LEU A 228 13.05 4.28 -17.22
CA LEU A 228 12.28 3.04 -17.32
C LEU A 228 13.05 1.74 -17.36
N SER A 229 14.38 1.83 -17.22
CA SER A 229 15.19 0.64 -17.15
C SER A 229 14.80 0.16 -15.76
N TYR A 230 14.56 -1.14 -15.61
CA TYR A 230 14.16 -1.62 -14.31
C TYR A 230 14.89 -2.89 -13.92
N ARG A 231 14.57 -3.38 -12.73
CA ARG A 231 15.16 -4.59 -12.19
C ARG A 231 14.08 -5.24 -11.35
N VAL A 232 13.87 -6.54 -11.51
CA VAL A 232 12.81 -7.21 -10.76
C VAL A 232 13.13 -8.62 -10.22
N GLY A 233 12.37 -9.03 -9.22
CA GLY A 233 12.53 -10.34 -8.60
C GLY A 233 11.80 -10.35 -7.27
N TYR A 234 12.27 -11.18 -6.34
CA TYR A 234 11.65 -11.24 -5.02
C TYR A 234 12.61 -10.76 -3.93
N LEU A 235 12.05 -10.36 -2.80
CA LEU A 235 12.88 -9.92 -1.71
C LEU A 235 13.60 -11.19 -1.27
N CYS A 236 14.92 -11.14 -1.30
CA CYS A 236 15.77 -12.28 -0.95
C CYS A 236 15.43 -13.05 0.31
N ALA A 237 15.69 -12.42 1.45
CA ALA A 237 15.45 -12.96 2.78
C ALA A 237 14.79 -14.34 2.89
N GLY A 238 15.39 -15.19 3.72
CA GLY A 238 14.90 -16.53 3.94
C GLY A 238 13.65 -16.54 4.80
N ILE A 239 12.94 -15.42 4.78
CA ILE A 239 11.68 -15.28 5.50
C ILE A 239 10.55 -14.78 4.58
N PRO A 240 9.41 -15.48 4.58
CA PRO A 240 8.27 -15.11 3.76
C PRO A 240 7.52 -13.99 4.49
N SER A 241 6.96 -13.03 3.75
CA SER A 241 6.24 -11.92 4.36
C SER A 241 4.87 -11.67 3.72
N ASP A 242 4.21 -12.74 3.26
CA ASP A 242 2.89 -12.64 2.65
C ASP A 242 1.91 -13.43 3.52
N THR A 243 0.61 -13.31 3.24
CA THR A 243 -0.42 -14.04 3.98
C THR A 243 -1.53 -14.39 3.00
N PRO A 244 -1.89 -15.69 2.87
CA PRO A 244 -1.31 -16.84 3.60
C PRO A 244 0.12 -17.17 3.23
N ARG A 245 0.86 -17.67 4.21
CA ARG A 245 2.27 -18.00 4.02
C ARG A 245 2.62 -19.26 4.82
N GLY A 246 3.72 -19.93 4.44
CA GLY A 246 4.13 -21.10 5.18
C GLY A 246 4.99 -20.60 6.33
N GLU A 247 5.41 -21.50 7.20
CA GLU A 247 6.26 -21.14 8.34
C GLU A 247 7.63 -20.65 7.88
N ASP A 248 8.39 -20.07 8.80
CA ASP A 248 9.72 -19.57 8.50
C ASP A 248 10.71 -20.72 8.49
N THR A 249 10.51 -21.65 9.41
CA THR A 249 11.35 -22.83 9.56
C THR A 249 11.54 -23.59 8.25
N GLN A 250 10.40 -23.94 7.64
CA GLN A 250 10.39 -24.67 6.39
C GLN A 250 10.36 -23.80 5.13
N PHE A 251 11.00 -22.64 5.20
CA PHE A 251 11.01 -21.74 4.07
C PHE A 251 12.42 -21.28 3.70
N THR A 252 12.84 -21.56 2.48
CA THR A 252 14.15 -21.11 2.02
C THR A 252 13.92 -19.85 1.20
N GLY A 253 14.66 -18.80 1.50
CA GLY A 253 14.47 -17.55 0.76
C GLY A 253 14.95 -17.62 -0.68
N SER A 254 14.51 -16.68 -1.52
CA SER A 254 14.93 -16.70 -2.91
C SER A 254 14.89 -15.35 -3.58
N CYS A 255 16.06 -14.75 -3.79
CA CYS A 255 16.17 -13.44 -4.45
C CYS A 255 15.66 -13.48 -5.88
N THR A 256 15.34 -14.67 -6.37
CA THR A 256 14.96 -14.83 -7.78
C THR A 256 13.56 -15.30 -8.14
N SER A 257 13.12 -16.37 -7.52
CA SER A 257 11.82 -16.93 -7.83
C SER A 257 10.86 -16.96 -6.66
N PRO A 258 9.57 -17.13 -6.94
CA PRO A 258 8.62 -17.17 -5.83
C PRO A 258 8.86 -18.45 -5.06
N MET A 259 8.50 -18.44 -3.79
CA MET A 259 8.69 -19.60 -2.94
C MET A 259 7.42 -19.84 -2.15
N GLY A 260 7.12 -21.11 -1.88
CA GLY A 260 5.92 -21.46 -1.13
C GLY A 260 4.85 -22.06 -2.00
N ASN A 261 3.97 -22.85 -1.41
CA ASN A 261 2.92 -23.49 -2.17
C ASN A 261 1.54 -22.91 -1.88
N GLN A 262 1.51 -21.60 -1.59
CA GLN A 262 0.28 -20.88 -1.29
C GLN A 262 -0.06 -20.04 -2.53
N GLY A 263 -1.35 -19.77 -2.75
CA GLY A 263 -1.72 -19.02 -3.93
C GLY A 263 -2.48 -17.72 -3.77
N TYR A 264 -2.52 -17.17 -2.56
CA TYR A 264 -3.22 -15.90 -2.35
C TYR A 264 -2.27 -14.85 -1.82
N GLY A 265 -2.77 -14.01 -0.92
CA GLY A 265 -1.93 -12.97 -0.36
C GLY A 265 -2.70 -11.77 0.10
N VAL A 266 -1.96 -10.75 0.52
CA VAL A 266 -2.50 -9.49 0.96
C VAL A 266 -1.45 -8.44 0.61
N LYS A 267 -1.84 -7.17 0.61
CA LYS A 267 -0.89 -6.13 0.27
C LYS A 267 0.08 -5.84 1.41
N GLY A 268 1.36 -5.78 1.08
CA GLY A 268 2.37 -5.52 2.08
C GLY A 268 3.42 -4.53 1.62
N PHE A 269 4.47 -4.38 2.42
CA PHE A 269 5.53 -3.44 2.10
C PHE A 269 6.85 -3.93 2.67
N GLY A 270 7.90 -3.18 2.37
CA GLY A 270 9.21 -3.52 2.88
C GLY A 270 10.15 -2.38 2.54
N PHE A 271 11.13 -2.13 3.42
CA PHE A 271 12.11 -1.06 3.19
C PHE A 271 13.53 -1.61 3.08
N ARG A 272 14.32 -0.97 2.22
CA ARG A 272 15.71 -1.38 2.03
C ARG A 272 16.59 -0.63 3.00
N GLN A 273 17.14 -1.35 3.96
CA GLN A 273 18.04 -0.75 4.95
C GLN A 273 19.44 -1.20 4.55
N GLY A 274 20.12 -0.39 3.76
CA GLY A 274 21.46 -0.75 3.30
C GLY A 274 21.31 -2.02 2.49
N THR A 275 21.52 -3.16 3.15
CA THR A 275 21.38 -4.49 2.55
C THR A 275 20.30 -5.16 3.36
N ASP A 276 20.14 -4.67 4.59
CA ASP A 276 19.16 -5.17 5.51
C ASP A 276 17.80 -4.77 4.99
N VAL A 277 16.73 -5.34 5.53
CA VAL A 277 15.38 -4.97 5.11
C VAL A 277 14.38 -4.97 6.28
N TRP A 278 13.47 -4.01 6.26
CA TRP A 278 12.42 -4.00 7.27
C TRP A 278 11.26 -4.61 6.49
N MET A 279 10.65 -5.64 7.04
CA MET A 279 9.54 -6.26 6.36
C MET A 279 8.36 -6.42 7.28
N GLY A 280 7.21 -5.91 6.81
CA GLY A 280 5.98 -6.00 7.57
C GLY A 280 5.28 -7.30 7.23
N ARG A 281 4.43 -7.76 8.14
CA ARG A 281 3.71 -8.99 7.92
C ARG A 281 2.71 -9.23 9.04
N THR A 282 1.65 -9.97 8.74
CA THR A 282 0.64 -10.28 9.74
C THR A 282 1.19 -11.38 10.66
N ILE A 283 0.98 -11.23 11.96
CA ILE A 283 1.46 -12.26 12.88
C ILE A 283 0.95 -13.62 12.42
N SER A 284 -0.34 -13.69 12.12
CA SER A 284 -0.94 -14.94 11.67
C SER A 284 -0.42 -15.27 10.29
N ARG A 285 -0.07 -16.53 10.08
CA ARG A 285 0.43 -16.98 8.78
C ARG A 285 -0.76 -17.32 7.90
N THR A 286 -1.95 -17.39 8.51
CA THR A 286 -3.16 -17.75 7.78
C THR A 286 -4.23 -16.68 7.60
N SER A 287 -4.66 -16.08 8.70
CA SER A 287 -5.69 -15.06 8.62
C SER A 287 -5.12 -13.65 8.58
N ARG A 288 -6.00 -12.66 8.49
CA ARG A 288 -5.55 -11.27 8.47
C ARG A 288 -5.68 -10.67 9.86
N SER A 289 -4.86 -11.18 10.76
CA SER A 289 -4.84 -10.77 12.15
C SER A 289 -3.44 -10.37 12.63
N GLY A 290 -3.36 -9.26 13.35
CA GLY A 290 -2.09 -8.79 13.86
C GLY A 290 -1.16 -8.26 12.79
N PHE A 291 -0.30 -7.31 13.16
CA PHE A 291 0.69 -6.74 12.25
C PHE A 291 2.03 -6.60 12.95
N GLU A 292 3.10 -7.02 12.27
CA GLU A 292 4.45 -6.94 12.83
C GLU A 292 5.46 -6.56 11.74
N ILE A 293 6.62 -6.09 12.17
CA ILE A 293 7.64 -5.66 11.23
C ILE A 293 9.03 -6.02 11.74
N LEU A 294 9.78 -6.81 10.96
CA LEU A 294 11.10 -7.25 11.36
C LEU A 294 12.21 -6.70 10.48
N ARG A 295 13.42 -6.68 11.02
CA ARG A 295 14.58 -6.24 10.23
C ARG A 295 15.55 -7.40 10.19
N ILE A 296 15.62 -8.04 9.03
CA ILE A 296 16.49 -9.17 8.77
C ILE A 296 17.81 -8.60 8.29
N LYS A 297 18.92 -9.11 8.81
CA LYS A 297 20.22 -8.63 8.39
C LYS A 297 20.49 -9.03 6.94
N ASN A 298 21.12 -8.12 6.19
CA ASN A 298 21.44 -8.40 4.79
C ASN A 298 20.33 -9.07 4.01
N GLY A 299 19.10 -8.97 4.49
CA GLY A 299 17.99 -9.60 3.81
C GLY A 299 17.52 -9.02 2.47
N TRP A 300 18.09 -7.91 2.02
CA TRP A 300 17.69 -7.31 0.74
C TRP A 300 18.51 -7.91 -0.40
N THR A 301 19.63 -8.53 -0.03
CA THR A 301 20.52 -9.10 -1.00
C THR A 301 20.84 -10.60 -0.80
N GLN A 302 20.64 -11.11 0.40
CA GLN A 302 20.93 -12.51 0.66
C GLN A 302 19.74 -13.27 1.23
N THR A 303 19.71 -14.58 1.02
CA THR A 303 18.61 -15.43 1.51
C THR A 303 18.57 -15.47 3.04
N SER A 304 18.97 -14.37 3.67
CA SER A 304 19.03 -14.23 5.12
C SER A 304 17.76 -14.50 5.93
N LYS A 305 17.97 -14.94 7.16
CA LYS A 305 16.90 -15.20 8.11
C LYS A 305 17.44 -14.80 9.45
N GLU A 306 18.33 -13.82 9.42
CA GLU A 306 18.95 -13.30 10.61
C GLU A 306 18.42 -11.92 10.95
N GLN A 307 17.52 -11.89 11.92
CA GLN A 307 16.93 -10.64 12.37
C GLN A 307 17.62 -10.01 13.57
N ILE A 308 17.63 -8.68 13.60
CA ILE A 308 18.26 -7.95 14.69
C ILE A 308 17.23 -7.12 15.43
N ARG A 309 16.05 -6.96 14.82
CA ARG A 309 14.97 -6.21 15.47
C ARG A 309 13.58 -6.70 15.06
N LYS A 310 12.64 -6.53 15.96
CA LYS A 310 11.26 -6.91 15.73
C LYS A 310 10.43 -5.97 16.55
N GLN A 311 9.17 -5.80 16.15
CA GLN A 311 8.27 -4.92 16.85
C GLN A 311 6.87 -5.16 16.31
N VAL A 312 5.91 -5.26 17.22
CA VAL A 312 4.53 -5.47 16.83
C VAL A 312 3.77 -4.16 16.94
N VAL A 313 2.72 -4.03 16.15
CA VAL A 313 1.90 -2.82 16.14
C VAL A 313 0.42 -3.20 16.35
N VAL A 314 0.12 -4.48 16.16
CA VAL A 314 -1.24 -5.01 16.33
C VAL A 314 -1.09 -6.48 16.74
N ASP A 315 -1.41 -6.81 17.99
CA ASP A 315 -1.26 -8.20 18.44
C ASP A 315 -2.15 -9.18 17.66
N ASN A 316 -1.81 -10.47 17.73
CA ASN A 316 -2.53 -11.47 16.96
C ASN A 316 -3.97 -11.74 17.37
N LEU A 317 -4.49 -10.94 18.29
CA LEU A 317 -5.88 -11.08 18.74
C LEU A 317 -6.69 -9.93 18.17
N ASN A 318 -6.13 -9.27 17.16
CA ASN A 318 -6.80 -8.13 16.51
C ASN A 318 -6.62 -8.10 15.02
N TRP A 319 -7.70 -7.77 14.31
CA TRP A 319 -7.69 -7.71 12.85
C TRP A 319 -6.66 -6.78 12.23
N SER A 320 -5.95 -7.31 11.24
CA SER A 320 -4.93 -6.55 10.54
C SER A 320 -5.41 -6.24 9.13
N GLY A 321 -4.52 -6.41 8.16
CA GLY A 321 -4.84 -6.16 6.77
C GLY A 321 -3.70 -5.60 5.92
N TYR A 322 -4.05 -4.71 5.00
CA TYR A 322 -3.11 -4.05 4.08
C TYR A 322 -2.03 -3.22 4.76
N SER A 323 -0.93 -3.01 4.05
CA SER A 323 0.19 -2.24 4.59
C SER A 323 0.81 -1.52 3.40
N GLY A 324 1.28 -0.31 3.64
CA GLY A 324 1.88 0.43 2.57
C GLY A 324 3.05 1.27 3.03
N SER A 325 3.83 1.71 2.06
CA SER A 325 5.01 2.51 2.30
C SER A 325 4.93 3.87 1.64
N PHE A 326 5.60 4.83 2.25
CA PHE A 326 5.71 6.17 1.73
C PHE A 326 6.84 6.77 2.53
N THR A 327 7.09 8.06 2.32
CA THR A 327 8.18 8.75 2.99
C THR A 327 7.78 10.15 3.45
N LEU A 328 8.48 10.68 4.45
CA LEU A 328 8.20 12.03 4.92
C LEU A 328 9.10 12.98 4.16
N PRO A 329 8.51 13.83 3.31
CA PRO A 329 9.36 14.75 2.58
C PRO A 329 10.35 15.46 3.50
N VAL A 330 11.57 15.63 3.01
CA VAL A 330 12.62 16.31 3.76
C VAL A 330 12.12 17.68 4.20
N GLU A 331 11.25 18.26 3.39
CA GLU A 331 10.69 19.57 3.65
C GLU A 331 9.66 19.57 4.79
N LEU A 332 9.50 18.43 5.45
CA LEU A 332 8.58 18.32 6.58
C LEU A 332 9.36 17.81 7.76
N SER A 333 10.06 16.70 7.53
CA SER A 333 10.86 16.06 8.58
C SER A 333 12.09 16.87 8.92
N GLY A 334 12.61 17.60 7.95
CA GLY A 334 13.79 18.39 8.17
C GLY A 334 15.08 17.59 8.11
N LYS A 335 14.96 16.28 7.93
CA LYS A 335 16.13 15.41 7.85
C LYS A 335 16.91 15.70 6.57
N ASP A 336 17.91 14.86 6.31
CA ASP A 336 18.73 14.99 5.12
C ASP A 336 18.65 13.61 4.52
N CYS A 337 17.60 12.89 4.93
CA CYS A 337 17.32 11.55 4.45
C CYS A 337 15.82 11.37 4.54
N LEU A 338 15.27 10.63 3.58
CA LEU A 338 13.86 10.35 3.50
C LEU A 338 13.40 9.42 4.62
N VAL A 339 12.66 9.95 5.59
CA VAL A 339 12.20 9.14 6.70
C VAL A 339 11.22 8.08 6.23
N PRO A 340 11.49 6.80 6.53
CA PRO A 340 10.62 5.71 6.12
C PRO A 340 9.41 5.58 7.04
N CYS A 341 8.22 5.61 6.45
CA CYS A 341 6.95 5.49 7.20
C CYS A 341 6.05 4.44 6.55
N PHE A 342 5.05 3.97 7.29
CA PHE A 342 4.11 2.98 6.74
C PHE A 342 2.78 2.99 7.48
N TRP A 343 1.79 2.34 6.88
CA TRP A 343 0.48 2.26 7.48
C TRP A 343 -0.05 0.82 7.44
N VAL A 344 -1.01 0.55 8.32
CA VAL A 344 -1.63 -0.75 8.45
C VAL A 344 -3.13 -0.59 8.37
N GLU A 345 -3.76 -1.31 7.45
CA GLU A 345 -5.21 -1.25 7.30
C GLU A 345 -5.77 -2.30 8.26
N MET A 346 -6.81 -1.92 9.00
CA MET A 346 -7.42 -2.81 9.96
C MET A 346 -8.85 -3.01 9.50
N ILE A 347 -9.08 -4.15 8.84
CA ILE A 347 -10.38 -4.48 8.29
C ILE A 347 -11.27 -5.12 9.34
N ARG A 348 -12.53 -4.69 9.34
CA ARG A 348 -13.55 -5.17 10.25
C ARG A 348 -14.79 -5.53 9.45
N GLY A 349 -15.50 -6.56 9.90
CA GLY A 349 -16.71 -7.00 9.22
C GLY A 349 -16.44 -8.19 8.32
N LYS A 350 -17.40 -8.51 7.45
CA LYS A 350 -17.22 -9.61 6.54
C LYS A 350 -15.80 -9.51 5.99
N PRO A 351 -15.16 -10.66 5.74
CA PRO A 351 -15.75 -11.99 5.97
C PRO A 351 -15.59 -12.54 7.40
N GLU A 352 -14.48 -12.20 8.06
CA GLU A 352 -14.22 -12.69 9.41
C GLU A 352 -15.21 -12.28 10.49
N GLU A 353 -16.21 -11.47 10.16
CA GLU A 353 -17.18 -11.03 11.15
C GLU A 353 -18.62 -11.04 10.66
N LYS A 354 -19.56 -11.17 11.61
CA LYS A 354 -20.99 -11.19 11.30
C LYS A 354 -21.60 -9.81 11.25
N THR A 355 -21.57 -9.21 10.07
CA THR A 355 -22.11 -7.87 9.83
C THR A 355 -22.48 -7.80 8.36
N ILE A 356 -23.46 -6.95 8.04
CA ILE A 356 -23.90 -6.78 6.66
C ILE A 356 -22.83 -6.04 5.87
N TRP A 357 -21.97 -5.33 6.59
CA TRP A 357 -20.91 -4.53 5.99
C TRP A 357 -19.47 -4.97 6.18
N THR A 358 -18.58 -4.20 5.55
CA THR A 358 -17.15 -4.40 5.61
C THR A 358 -16.44 -3.08 5.35
N SER A 359 -15.53 -2.73 6.24
CA SER A 359 -14.77 -1.50 6.13
C SER A 359 -13.43 -1.73 6.79
N SER A 360 -12.72 -0.66 7.10
CA SER A 360 -11.42 -0.78 7.73
C SER A 360 -10.93 0.52 8.32
N SER A 361 -9.99 0.39 9.25
CA SER A 361 -9.39 1.52 9.93
C SER A 361 -7.90 1.45 9.66
N SER A 362 -7.19 2.53 9.90
CA SER A 362 -5.76 2.52 9.68
C SER A 362 -5.00 3.20 10.81
N ILE A 363 -3.68 3.06 10.77
CA ILE A 363 -2.78 3.66 11.73
C ILE A 363 -1.48 3.90 10.97
N VAL A 364 -0.81 5.00 11.27
CA VAL A 364 0.42 5.37 10.59
C VAL A 364 1.67 5.24 11.49
N MET A 365 2.76 4.72 10.95
CA MET A 365 3.99 4.55 11.72
C MET A 365 5.21 5.08 10.94
N CYS A 366 6.06 5.87 11.58
CA CYS A 366 7.24 6.43 10.91
C CYS A 366 8.61 6.07 11.47
N GLY A 367 9.61 6.23 10.61
CA GLY A 367 11.01 5.94 10.92
C GLY A 367 11.41 5.95 12.38
N VAL A 368 12.29 6.88 12.78
CA VAL A 368 12.77 6.98 14.15
C VAL A 368 14.13 6.31 14.27
N ASP A 369 15.03 6.92 15.03
CA ASP A 369 16.35 6.35 15.24
C ASP A 369 16.44 5.46 16.48
N TYR A 370 15.43 5.52 17.33
CA TYR A 370 15.39 4.71 18.54
C TYR A 370 14.55 3.47 18.28
N GLU A 371 14.62 2.50 19.17
CA GLU A 371 13.85 1.26 19.04
C GLU A 371 12.54 1.45 19.80
N VAL A 372 11.41 1.20 19.12
CA VAL A 372 10.10 1.38 19.74
C VAL A 372 9.38 0.10 20.17
N ALA A 373 8.99 0.06 21.44
CA ALA A 373 8.32 -1.06 22.13
C ALA A 373 7.05 -1.67 21.52
N ASP A 374 6.98 -2.99 21.52
CA ASP A 374 5.84 -3.73 20.98
C ASP A 374 4.55 -3.29 21.66
N TRP A 375 3.47 -3.27 20.89
CA TRP A 375 2.16 -2.90 21.43
C TRP A 375 1.07 -3.08 20.39
N SER A 376 -0.14 -2.71 20.75
CA SER A 376 -1.22 -2.86 19.81
C SER A 376 -2.13 -1.63 19.75
N TRP A 377 -2.27 -1.07 18.57
CA TRP A 377 -3.14 0.08 18.37
C TRP A 377 -4.21 -0.41 17.37
N HIS A 378 -4.89 -1.48 17.77
CA HIS A 378 -5.94 -2.10 16.97
C HIS A 378 -7.18 -1.24 16.78
N ASP A 379 -8.01 -1.63 15.82
CA ASP A 379 -9.24 -0.91 15.50
C ASP A 379 -9.97 -0.40 16.72
N GLY A 380 -10.69 -1.28 17.40
CA GLY A 380 -11.41 -0.89 18.60
C GLY A 380 -12.92 -0.90 18.53
N ALA A 381 -13.47 -0.95 17.32
CA ALA A 381 -14.93 -0.95 17.18
C ALA A 381 -15.57 -2.18 17.82
N ILE A 382 -16.81 -2.03 18.29
CA ILE A 382 -17.52 -3.16 18.89
C ILE A 382 -18.57 -3.65 17.92
N LEU A 383 -18.29 -4.77 17.25
CA LEU A 383 -19.25 -5.29 16.29
C LEU A 383 -20.11 -6.39 16.91
N PRO A 384 -21.28 -6.64 16.32
CA PRO A 384 -21.77 -5.92 15.13
C PRO A 384 -22.31 -4.53 15.51
N PHE A 385 -22.52 -3.69 14.50
CA PHE A 385 -23.07 -2.35 14.70
C PHE A 385 -24.59 -2.40 14.72
N ASP A 386 -25.22 -1.23 14.84
CA ASP A 386 -26.67 -1.13 14.86
C ASP A 386 -27.21 -1.73 13.57
N ILE A 387 -26.32 -1.95 12.60
CA ILE A 387 -26.61 -2.54 11.29
C ILE A 387 -26.84 -1.44 10.26
#